data_9DIZ
#
_entry.id   9DIZ
#
_cell.length_a   85.224
_cell.length_b   85.224
_cell.length_c   139.888
_cell.angle_alpha   90.000
_cell.angle_beta   90.000
_cell.angle_gamma   120.000
#
_symmetry.space_group_name_H-M   'P 64'
#
loop_
_entity.id
_entity.type
_entity.pdbx_description
1 polymer 'Dihydroorotate dehydrogenase (quinone), mitochondrial'
2 non-polymer 6-cyclopropyl-2,4-dimethyl-3-{[6-(trifluoromethyl)pyridin-3-yl]methyl}-2,6-dihydro-7H-pyrazolo[3,4-c]pyridin-7-one
3 non-polymer 'FLAVIN MONONUCLEOTIDE'
4 non-polymer 6-[bis(oxidanyl)methyl]-5~{H}-pyrimidine-2,4-dione
#
_entity_poly.entity_id   1
_entity_poly.type   'polypeptide(L)'
_entity_poly.pdbx_seq_one_letter_code
;MGHHHHHHAENLYFQGADPFESYNPEFFLYDIFLKFCLKYIDGEICHDLFLLLGKYNILPYDTSNDSIYACTNIKHLDFI
NPFGVAAGFDKNGVCIDSILKLGFSFIEIGTITPRGQTGNAKPRIFRDVESRSIINSCGFNNMGCDKVTENLILFRKRQE
EDKLLSKHIVGVSIGKNKDTVNIVDDLKYCINKIGRYADYIAINVSSPNTPGLRDNQEAGKLKNIILSVKEEIDNLEKNN
IMNDEFLWFNTTKKKPLVFVKLAPDLNQEQKKEIADVLLETNIDGMIISNTTTQINDIKSFENKKGGVSGAKLKDISTKF
ICEMYNYTNKQIPIIASGGIFSGLDALEKIEAGASVCQLYSCLVFNGMKSAVQIKRELNHLLYQRGYYNLKEAIGRKHSK
S
;
_entity_poly.pdbx_strand_id   A
#
loop_
_chem_comp.id
_chem_comp.type
_chem_comp.name
_chem_comp.formula
A1A53 non-polymer 6-cyclopropyl-2,4-dimethyl-3-{[6-(trifluoromethyl)pyridin-3-yl]methyl}-2,6-dihydro-7H-pyrazolo[3,4-c]pyridin-7-one 'C18 H17 F3 N4 O'
FMN non-polymer 'FLAVIN MONONUCLEOTIDE' 'C17 H21 N4 O9 P'
OG6 non-polymer 6-[bis(oxidanyl)methyl]-5~{H}-pyrimidine-2,4-dione 'C5 H6 N2 O4'
#
# COMPACT_ATOMS: atom_id res chain seq x y z
N ASN A 24 9.38 -11.49 20.54
CA ASN A 24 8.94 -10.55 21.56
C ASN A 24 7.78 -11.16 22.36
N PRO A 25 7.92 -11.22 23.69
CA PRO A 25 6.85 -11.83 24.48
C PRO A 25 5.47 -11.24 24.24
N GLU A 26 5.36 -9.94 23.97
CA GLU A 26 4.07 -9.29 23.90
C GLU A 26 3.40 -9.41 22.54
N PHE A 27 4.09 -9.93 21.53
CA PHE A 27 3.43 -10.24 20.26
C PHE A 27 2.29 -11.23 20.48
N PHE A 28 2.50 -12.21 21.36
CA PHE A 28 1.60 -13.35 21.50
C PHE A 28 0.34 -12.99 22.27
N LEU A 29 0.40 -12.00 23.15
CA LEU A 29 -0.80 -11.62 23.90
C LEU A 29 -1.92 -11.17 22.96
N TYR A 30 -1.58 -10.40 21.93
CA TYR A 30 -2.59 -9.95 20.99
C TYR A 30 -3.11 -11.09 20.11
N ASP A 31 -2.34 -12.16 19.95
CA ASP A 31 -2.84 -13.34 19.26
C ASP A 31 -3.93 -14.03 20.08
N ILE A 32 -3.85 -13.95 21.41
CA ILE A 32 -4.91 -14.48 22.26
C ILE A 32 -6.22 -13.79 21.94
N PHE A 33 -6.24 -12.46 22.02
CA PHE A 33 -7.45 -11.70 21.76
C PHE A 33 -7.93 -11.83 20.32
N LEU A 34 -7.05 -12.21 19.40
CA LEU A 34 -7.36 -12.12 17.97
C LEU A 34 -8.54 -13.02 17.61
N LYS A 35 -8.54 -14.27 18.08
CA LYS A 35 -9.62 -15.19 17.74
C LYS A 35 -10.96 -14.66 18.26
N PHE A 36 -11.00 -14.22 19.51
CA PHE A 36 -12.18 -13.52 20.03
C PHE A 36 -12.65 -12.47 19.03
N CYS A 37 -11.74 -11.60 18.60
CA CYS A 37 -12.12 -10.53 17.70
C CYS A 37 -12.70 -11.07 16.39
N LEU A 38 -12.00 -12.03 15.77
CA LEU A 38 -12.45 -12.54 14.48
C LEU A 38 -13.83 -13.16 14.57
N LYS A 39 -14.13 -13.81 15.69
CA LYS A 39 -15.35 -14.59 15.79
C LYS A 39 -16.55 -13.78 16.25
N TYR A 40 -16.32 -12.76 17.08
CA TYR A 40 -17.42 -12.09 17.77
C TYR A 40 -17.55 -10.61 17.45
N ILE A 41 -16.52 -9.96 16.92
CA ILE A 41 -16.50 -8.50 16.81
C ILE A 41 -16.57 -8.10 15.34
N ASP A 42 -17.22 -6.96 15.11
CA ASP A 42 -17.30 -6.40 13.75
C ASP A 42 -15.90 -6.02 13.27
N GLY A 43 -15.65 -6.27 11.98
CA GLY A 43 -14.33 -6.02 11.45
C GLY A 43 -13.87 -4.59 11.65
N GLU A 44 -14.69 -3.63 11.22
CA GLU A 44 -14.28 -2.23 11.33
C GLU A 44 -14.10 -1.81 12.78
N ILE A 45 -14.91 -2.36 13.68
CA ILE A 45 -14.72 -2.09 15.10
C ILE A 45 -13.34 -2.58 15.54
N CYS A 46 -12.95 -3.78 15.10
CA CYS A 46 -11.59 -4.24 15.35
C CYS A 46 -10.59 -3.30 14.71
N HIS A 47 -10.85 -2.87 13.47
CA HIS A 47 -9.93 -1.97 12.78
C HIS A 47 -9.77 -0.65 13.53
N ASP A 48 -10.88 -0.04 13.94
CA ASP A 48 -10.80 1.18 14.73
C ASP A 48 -10.05 0.93 16.04
N LEU A 49 -10.33 -0.19 16.70
CA LEU A 49 -9.62 -0.54 17.92
C LEU A 49 -8.12 -0.61 17.67
N PHE A 50 -7.72 -1.41 16.67
CA PHE A 50 -6.32 -1.47 16.25
C PHE A 50 -5.71 -0.08 16.18
N LEU A 51 -6.34 0.82 15.44
CA LEU A 51 -5.82 2.18 15.30
C LEU A 51 -5.73 2.87 16.65
N LEU A 52 -6.65 2.59 17.56
CA LEU A 52 -6.62 3.24 18.88
C LEU A 52 -5.40 2.80 19.67
N LEU A 53 -5.10 1.50 19.68
CA LEU A 53 -3.91 1.02 20.38
C LEU A 53 -2.66 1.71 19.83
N GLY A 54 -2.55 1.79 18.50
CA GLY A 54 -1.38 2.43 17.92
C GLY A 54 -1.31 3.91 18.21
N LYS A 55 -2.47 4.58 18.25
CA LYS A 55 -2.49 5.99 18.61
C LYS A 55 -1.78 6.23 19.93
N TYR A 56 -1.92 5.29 20.88
CA TYR A 56 -1.36 5.43 22.21
C TYR A 56 -0.13 4.55 22.43
N ASN A 57 0.45 4.02 21.36
CA ASN A 57 1.75 3.34 21.41
C ASN A 57 1.74 2.16 22.37
N ILE A 58 0.68 1.35 22.29
CA ILE A 58 0.53 0.16 23.12
C ILE A 58 0.67 -1.10 22.28
N LEU A 59 1.19 -1.00 21.08
CA LEU A 59 1.47 -2.18 20.27
C LEU A 59 2.86 -2.71 20.56
N PRO A 60 3.13 -3.98 20.25
CA PRO A 60 4.47 -4.52 20.44
C PRO A 60 5.47 -3.85 19.52
N TYR A 61 6.74 -4.15 19.74
CA TYR A 61 7.83 -3.62 18.92
C TYR A 61 8.68 -4.75 18.38
N ASP A 62 9.36 -4.48 17.28
CA ASP A 62 10.31 -5.40 16.66
C ASP A 62 11.56 -4.57 16.35
N THR A 63 12.47 -4.49 17.30
CA THR A 63 13.65 -3.64 17.19
C THR A 63 14.86 -4.36 16.61
N SER A 64 14.67 -5.56 16.06
CA SER A 64 15.80 -6.32 15.54
C SER A 64 16.31 -5.72 14.24
N ASN A 65 17.61 -5.92 13.99
CA ASN A 65 18.18 -5.55 12.70
C ASN A 65 17.62 -6.47 11.62
N ASP A 66 17.31 -5.89 10.47
CA ASP A 66 16.78 -6.68 9.35
C ASP A 66 17.92 -7.29 8.56
N SER A 67 17.62 -8.41 7.89
CA SER A 67 18.60 -9.08 7.05
C SER A 67 19.05 -8.15 5.94
N ILE A 68 20.35 -7.88 5.87
CA ILE A 68 20.89 -7.06 4.79
C ILE A 68 20.78 -7.77 3.45
N TYR A 69 20.48 -9.06 3.45
CA TYR A 69 20.24 -9.79 2.20
C TYR A 69 18.85 -9.57 1.66
N ALA A 70 17.94 -8.97 2.45
CA ALA A 70 16.58 -8.71 2.03
C ALA A 70 16.30 -7.24 1.79
N CYS A 71 17.20 -6.33 2.17
CA CYS A 71 17.03 -4.92 1.88
C CYS A 71 16.84 -4.74 0.38
N THR A 72 15.74 -4.07 0.01
CA THR A 72 15.38 -3.89 -1.40
C THR A 72 15.18 -2.41 -1.67
N ASN A 73 15.08 -2.08 -2.96
CA ASN A 73 14.97 -0.68 -3.38
C ASN A 73 14.04 -0.59 -4.58
N ILE A 74 13.45 0.59 -4.74
CA ILE A 74 12.72 0.96 -5.96
C ILE A 74 13.36 2.25 -6.43
N LYS A 75 14.26 2.16 -7.41
CA LYS A 75 15.06 3.29 -7.86
C LYS A 75 15.85 3.80 -6.66
N HIS A 76 15.82 5.09 -6.34
CA HIS A 76 16.57 5.62 -5.21
C HIS A 76 15.83 5.46 -3.88
N LEU A 77 14.64 4.86 -3.89
CA LEU A 77 13.89 4.58 -2.66
C LEU A 77 14.40 3.26 -2.10
N ASP A 78 15.08 3.33 -0.95
CA ASP A 78 15.75 2.18 -0.36
C ASP A 78 14.94 1.66 0.81
N PHE A 79 14.38 0.47 0.65
CA PHE A 79 13.59 -0.18 1.69
C PHE A 79 14.46 -1.14 2.47
N ILE A 80 14.46 -0.99 3.80
CA ILE A 80 15.29 -1.83 4.65
C ILE A 80 14.82 -3.29 4.61
N ASN A 81 13.56 -3.53 4.28
CA ASN A 81 13.06 -4.87 4.04
C ASN A 81 11.89 -4.76 3.08
N PRO A 82 11.47 -5.87 2.47
CA PRO A 82 10.52 -5.77 1.35
C PRO A 82 9.06 -5.79 1.75
N PHE A 83 8.74 -5.44 2.99
CA PHE A 83 7.38 -5.58 3.49
C PHE A 83 6.91 -4.27 4.12
N GLY A 84 5.82 -3.73 3.59
CA GLY A 84 5.12 -2.63 4.21
C GLY A 84 3.65 -2.96 4.38
N VAL A 85 2.90 -1.98 4.85
CA VAL A 85 1.46 -2.12 5.07
C VAL A 85 0.73 -1.42 3.94
N ALA A 86 -0.27 -2.11 3.38
CA ALA A 86 -0.97 -1.61 2.21
C ALA A 86 -1.85 -0.41 2.56
N ALA A 87 -2.31 0.28 1.52
CA ALA A 87 -3.20 1.41 1.71
C ALA A 87 -4.55 0.93 2.23
N GLY A 88 -5.35 1.88 2.71
CA GLY A 88 -6.65 1.58 3.27
C GLY A 88 -6.62 1.17 4.73
N PHE A 89 -5.44 0.92 5.30
CA PHE A 89 -5.34 0.53 6.70
C PHE A 89 -5.36 1.76 7.59
N ASP A 90 -4.30 2.58 7.51
CA ASP A 90 -4.26 3.87 8.20
C ASP A 90 -4.57 4.95 7.16
N LYS A 91 -5.87 5.12 6.89
CA LYS A 91 -6.31 6.05 5.87
C LYS A 91 -6.08 7.51 6.25
N ASN A 92 -5.55 7.78 7.44
CA ASN A 92 -5.44 9.16 7.92
C ASN A 92 -4.16 9.44 8.69
N GLY A 93 -3.21 8.50 8.71
CA GLY A 93 -1.93 8.77 9.34
C GLY A 93 -2.00 9.06 10.82
N VAL A 94 -3.04 8.58 11.49
CA VAL A 94 -3.15 8.70 12.94
C VAL A 94 -2.51 7.56 13.69
N CYS A 95 -1.84 6.66 12.98
CA CYS A 95 -1.34 5.44 13.55
C CYS A 95 -0.02 5.03 12.95
N ILE A 96 0.76 5.99 12.45
CA ILE A 96 1.94 5.65 11.65
C ILE A 96 3.03 5.05 12.52
N ASP A 97 3.40 5.74 13.60
CA ASP A 97 4.53 5.31 14.42
C ASP A 97 4.40 3.86 14.83
N SER A 98 3.26 3.51 15.44
CA SER A 98 3.12 2.19 16.04
C SER A 98 3.15 1.09 14.99
N ILE A 99 2.42 1.28 13.88
CA ILE A 99 2.36 0.25 12.85
C ILE A 99 3.75 -0.01 12.28
N LEU A 100 4.47 1.06 11.92
CA LEU A 100 5.82 0.89 11.40
C LEU A 100 6.72 0.20 12.42
N LYS A 101 6.53 0.50 13.71
CA LYS A 101 7.35 -0.11 14.75
C LYS A 101 7.08 -1.59 14.92
N LEU A 102 5.99 -2.12 14.36
CA LEU A 102 5.74 -3.56 14.46
C LEU A 102 6.77 -4.36 13.67
N GLY A 103 7.42 -3.77 12.68
CA GLY A 103 8.46 -4.45 11.94
C GLY A 103 8.38 -4.27 10.44
N PHE A 104 7.59 -3.29 10.00
CA PHE A 104 7.44 -3.01 8.58
C PHE A 104 8.47 -1.97 8.13
N SER A 105 8.92 -2.12 6.90
CA SER A 105 9.90 -1.19 6.35
C SER A 105 9.27 0.09 5.82
N PHE A 106 7.98 0.06 5.48
CA PHE A 106 7.31 1.25 4.96
C PHE A 106 5.81 1.08 5.15
N ILE A 107 5.09 2.16 4.87
CA ILE A 107 3.62 2.17 4.98
C ILE A 107 3.07 3.08 3.90
N GLU A 108 1.94 2.68 3.33
CA GLU A 108 1.22 3.47 2.33
C GLU A 108 -0.10 3.91 2.95
N ILE A 109 -0.20 5.18 3.31
CA ILE A 109 -1.38 5.72 3.97
C ILE A 109 -2.36 6.18 2.89
N GLY A 110 -3.61 6.38 3.30
CA GLY A 110 -4.67 6.68 2.35
C GLY A 110 -5.56 5.47 2.09
N THR A 111 -6.27 5.51 0.96
CA THR A 111 -6.23 6.61 0.01
C THR A 111 -6.93 7.85 0.54
N ILE A 112 -6.40 9.02 0.20
CA ILE A 112 -6.92 10.28 0.69
C ILE A 112 -7.56 11.06 -0.45
N THR A 113 -8.47 11.95 -0.08
CA THR A 113 -9.12 12.87 -0.99
C THR A 113 -9.01 14.28 -0.43
N PRO A 114 -9.18 15.30 -1.26
CA PRO A 114 -9.02 16.68 -0.76
C PRO A 114 -9.84 16.98 0.48
N ARG A 115 -11.14 16.75 0.42
CA ARG A 115 -12.03 16.94 1.55
C ARG A 115 -12.39 15.60 2.19
N GLY A 116 -12.80 15.67 3.45
CA GLY A 116 -13.15 14.47 4.17
C GLY A 116 -14.45 13.88 3.67
N GLN A 117 -14.56 12.56 3.80
CA GLN A 117 -15.76 11.82 3.43
C GLN A 117 -16.08 10.82 4.52
N THR A 118 -17.37 10.51 4.65
CA THR A 118 -17.83 9.49 5.57
C THR A 118 -17.95 8.12 4.91
N GLY A 119 -17.83 8.05 3.59
CA GLY A 119 -17.89 6.78 2.89
C GLY A 119 -19.31 6.23 2.84
N ASN A 120 -19.42 5.03 2.28
CA ASN A 120 -20.71 4.37 2.17
C ASN A 120 -21.19 3.92 3.56
N ALA A 121 -22.46 3.52 3.61
CA ALA A 121 -23.08 3.20 4.89
C ALA A 121 -22.48 1.95 5.50
N LYS A 122 -22.47 1.92 6.84
CA LYS A 122 -22.03 0.76 7.61
C LYS A 122 -23.21 -0.17 7.88
N PRO A 123 -22.94 -1.45 8.16
CA PRO A 123 -21.65 -2.14 8.05
C PRO A 123 -21.16 -2.23 6.61
N ARG A 124 -19.85 -2.09 6.39
CA ARG A 124 -19.28 -2.08 5.05
C ARG A 124 -18.04 -2.95 4.94
N ILE A 125 -17.70 -3.71 5.98
CA ILE A 125 -16.55 -4.61 5.97
C ILE A 125 -16.99 -5.93 6.58
N PHE A 126 -16.64 -7.04 5.92
CA PHE A 126 -17.09 -8.36 6.33
C PHE A 126 -15.97 -9.37 6.10
N ARG A 127 -15.55 -10.05 7.16
CA ARG A 127 -14.52 -11.07 7.08
C ARG A 127 -15.15 -12.46 6.97
N ASP A 128 -14.49 -13.33 6.22
CA ASP A 128 -14.81 -14.76 6.22
C ASP A 128 -13.54 -15.48 6.68
N VAL A 129 -13.54 -15.92 7.93
CA VAL A 129 -12.34 -16.51 8.52
C VAL A 129 -11.94 -17.78 7.77
N GLU A 130 -12.94 -18.58 7.35
CA GLU A 130 -12.63 -19.90 6.81
C GLU A 130 -11.82 -19.80 5.53
N SER A 131 -12.17 -18.85 4.65
CA SER A 131 -11.47 -18.68 3.39
C SER A 131 -10.38 -17.63 3.45
N ARG A 132 -10.12 -17.05 4.62
CA ARG A 132 -9.14 -15.98 4.76
C ARG A 132 -9.38 -14.89 3.71
N SER A 133 -10.61 -14.39 3.67
CA SER A 133 -11.02 -13.42 2.68
C SER A 133 -11.77 -12.28 3.34
N ILE A 134 -11.75 -11.12 2.67
CA ILE A 134 -12.40 -9.91 3.14
C ILE A 134 -13.18 -9.32 1.98
N ILE A 135 -14.27 -8.62 2.31
CA ILE A 135 -15.01 -7.81 1.34
C ILE A 135 -15.30 -6.47 2.00
N ASN A 136 -15.10 -5.38 1.25
CA ASN A 136 -15.26 -4.05 1.80
C ASN A 136 -15.92 -3.14 0.79
N SER A 137 -16.86 -2.33 1.28
CA SER A 137 -17.48 -1.27 0.51
C SER A 137 -17.27 0.04 1.24
N CYS A 138 -16.02 0.31 1.64
CA CYS A 138 -15.74 1.48 2.46
C CYS A 138 -15.99 2.78 1.69
N GLY A 139 -15.66 2.79 0.41
CA GLY A 139 -15.53 4.06 -0.28
C GLY A 139 -14.22 4.73 0.11
N PHE A 140 -14.21 6.05 0.06
CA PHE A 140 -13.01 6.80 0.42
C PHE A 140 -13.25 7.64 1.67
N ASN A 141 -13.60 6.97 2.77
CA ASN A 141 -13.76 7.63 4.05
C ASN A 141 -12.40 8.05 4.58
N ASN A 142 -12.21 9.35 4.78
CA ASN A 142 -10.95 9.86 5.32
C ASN A 142 -11.23 11.23 5.94
N MET A 143 -10.28 11.68 6.75
CA MET A 143 -10.40 12.97 7.44
C MET A 143 -10.14 14.16 6.53
N GLY A 144 -9.78 13.94 5.28
CA GLY A 144 -9.48 15.02 4.37
C GLY A 144 -7.98 15.26 4.24
N CYS A 145 -7.61 15.84 3.09
CA CYS A 145 -6.19 16.02 2.79
C CYS A 145 -5.52 16.96 3.80
N ASP A 146 -6.17 18.07 4.13
CA ASP A 146 -5.54 19.06 5.01
C ASP A 146 -5.24 18.48 6.37
N LYS A 147 -6.24 17.93 7.05
CA LYS A 147 -6.03 17.42 8.40
C LYS A 147 -5.06 16.24 8.39
N VAL A 148 -5.16 15.37 7.38
CA VAL A 148 -4.22 14.26 7.29
C VAL A 148 -2.81 14.76 7.09
N THR A 149 -2.64 15.88 6.40
CA THR A 149 -1.30 16.46 6.22
C THR A 149 -0.72 16.87 7.56
N GLU A 150 -1.52 17.49 8.42
CA GLU A 150 -1.03 17.84 9.75
C GLU A 150 -0.59 16.61 10.52
N ASN A 151 -1.37 15.53 10.43
CA ASN A 151 -1.01 14.30 11.11
C ASN A 151 0.33 13.78 10.62
N LEU A 152 0.62 13.95 9.33
CA LEU A 152 1.90 13.50 8.80
C LEU A 152 3.03 14.42 9.22
N ILE A 153 2.77 15.72 9.30
CA ILE A 153 3.78 16.64 9.82
C ILE A 153 4.19 16.24 11.23
N LEU A 154 3.20 16.01 12.10
CA LEU A 154 3.48 15.53 13.45
C LEU A 154 4.40 14.31 13.40
N PHE A 155 4.10 13.37 12.51
CA PHE A 155 4.90 12.15 12.42
C PHE A 155 6.34 12.46 12.02
N ARG A 156 6.52 13.23 10.94
CA ARG A 156 7.86 13.53 10.48
C ARG A 156 8.69 14.21 11.55
N LYS A 157 8.06 15.05 12.39
CA LYS A 157 8.78 15.68 13.48
C LYS A 157 9.15 14.68 14.57
N ARG A 158 8.32 13.66 14.78
CA ARG A 158 8.70 12.59 15.69
C ARG A 158 9.75 11.69 15.06
N GLN A 159 9.68 11.48 13.74
CA GLN A 159 10.64 10.62 13.07
C GLN A 159 12.05 11.15 13.24
N GLU A 160 12.24 12.46 13.08
CA GLU A 160 13.57 13.06 13.24
C GLU A 160 14.06 13.00 14.69
N GLU A 161 13.25 12.49 15.61
CA GLU A 161 13.61 12.40 17.02
C GLU A 161 13.54 10.97 17.56
N ASP A 162 13.30 9.99 16.69
CA ASP A 162 13.16 8.59 17.09
C ASP A 162 13.98 7.73 16.15
N LYS A 163 14.93 6.96 16.71
CA LYS A 163 15.84 6.19 15.89
C LYS A 163 15.19 4.96 15.27
N LEU A 164 14.11 4.44 15.88
CA LEU A 164 13.39 3.32 15.28
C LEU A 164 12.69 3.72 13.98
N LEU A 165 12.56 5.02 13.70
CA LEU A 165 11.86 5.50 12.52
C LEU A 165 12.79 6.21 11.55
N SER A 166 14.09 6.30 11.85
CA SER A 166 14.96 7.17 11.07
C SER A 166 15.11 6.70 9.63
N LYS A 167 15.02 5.40 9.38
CA LYS A 167 15.20 4.86 8.04
C LYS A 167 13.90 4.40 7.39
N HIS A 168 12.76 4.53 8.07
CA HIS A 168 11.50 4.02 7.56
C HIS A 168 10.83 5.02 6.63
N ILE A 169 10.09 4.49 5.66
CA ILE A 169 9.53 5.26 4.56
C ILE A 169 8.01 5.29 4.67
N VAL A 170 7.44 6.40 4.23
CA VAL A 170 5.99 6.61 4.28
C VAL A 170 5.54 7.14 2.92
N GLY A 171 4.76 6.33 2.20
CA GLY A 171 4.13 6.75 0.98
C GLY A 171 2.67 7.11 1.21
N VAL A 172 2.10 7.85 0.27
CA VAL A 172 0.74 8.35 0.39
C VAL A 172 -0.03 7.94 -0.86
N SER A 173 -1.11 7.19 -0.68
CA SER A 173 -2.03 6.87 -1.75
C SER A 173 -3.07 7.99 -1.86
N ILE A 174 -3.30 8.46 -3.08
CA ILE A 174 -4.17 9.60 -3.32
C ILE A 174 -5.24 9.22 -4.33
N GLY A 175 -6.42 9.81 -4.15
CA GLY A 175 -7.57 9.52 -5.00
C GLY A 175 -8.47 10.73 -5.13
N LYS A 176 -9.75 10.48 -5.36
CA LYS A 176 -10.74 11.52 -5.62
C LYS A 176 -11.97 11.30 -4.76
N ASN A 177 -12.64 12.41 -4.44
CA ASN A 177 -13.94 12.33 -3.78
C ASN A 177 -14.99 11.85 -4.76
N LYS A 178 -16.02 11.16 -4.24
CA LYS A 178 -17.06 10.64 -5.10
C LYS A 178 -17.61 11.71 -6.03
N ASP A 179 -17.84 12.91 -5.51
CA ASP A 179 -18.41 14.00 -6.28
C ASP A 179 -17.37 14.79 -7.07
N THR A 180 -16.11 14.38 -7.06
CA THR A 180 -15.10 15.07 -7.84
C THR A 180 -15.41 14.91 -9.33
N VAL A 181 -15.40 16.02 -10.06
CA VAL A 181 -15.69 15.97 -11.48
C VAL A 181 -14.45 15.56 -12.27
N ASN A 182 -13.32 16.24 -12.06
CA ASN A 182 -12.08 15.96 -12.75
C ASN A 182 -11.08 15.40 -11.75
N ILE A 183 -10.66 14.15 -11.97
CA ILE A 183 -9.74 13.50 -11.05
C ILE A 183 -8.46 14.32 -10.90
N VAL A 184 -7.99 14.92 -12.00
CA VAL A 184 -6.72 15.64 -11.97
C VAL A 184 -6.76 16.76 -10.95
N ASP A 185 -7.89 17.49 -10.90
CA ASP A 185 -8.01 18.58 -9.94
C ASP A 185 -7.73 18.12 -8.52
N ASP A 186 -8.25 16.93 -8.15
CA ASP A 186 -8.00 16.40 -6.82
C ASP A 186 -6.55 15.96 -6.67
N LEU A 187 -5.95 15.43 -7.74
CA LEU A 187 -4.55 15.03 -7.67
C LEU A 187 -3.65 16.26 -7.45
N LYS A 188 -4.01 17.40 -8.03
CA LYS A 188 -3.23 18.61 -7.83
C LYS A 188 -3.25 19.04 -6.36
N TYR A 189 -4.44 19.21 -5.80
CA TYR A 189 -4.57 19.75 -4.45
C TYR A 189 -3.76 18.93 -3.45
N CYS A 190 -3.91 17.62 -3.49
CA CYS A 190 -3.21 16.76 -2.54
C CYS A 190 -1.70 16.85 -2.76
N ILE A 191 -1.25 16.68 -4.00
CA ILE A 191 0.18 16.78 -4.29
C ILE A 191 0.73 18.11 -3.80
N ASN A 192 0.04 19.21 -4.14
CA ASN A 192 0.51 20.53 -3.78
C ASN A 192 0.41 20.80 -2.28
N LYS A 193 -0.30 19.96 -1.54
CA LYS A 193 -0.48 20.13 -0.10
C LYS A 193 0.41 19.22 0.72
N ILE A 194 0.61 17.99 0.28
CA ILE A 194 1.30 16.97 1.06
C ILE A 194 2.53 16.43 0.35
N GLY A 195 2.80 16.86 -0.88
CA GLY A 195 3.87 16.25 -1.65
C GLY A 195 5.23 16.37 -0.99
N ARG A 196 5.50 17.51 -0.35
CA ARG A 196 6.82 17.75 0.23
C ARG A 196 7.08 16.93 1.48
N TYR A 197 6.07 16.27 2.03
CA TYR A 197 6.23 15.44 3.22
C TYR A 197 6.15 13.95 2.91
N ALA A 198 5.92 13.57 1.66
CA ALA A 198 5.74 12.19 1.28
C ALA A 198 6.97 11.66 0.57
N ASP A 199 7.23 10.36 0.76
CA ASP A 199 8.34 9.69 0.10
C ASP A 199 7.96 9.15 -1.27
N TYR A 200 6.69 8.86 -1.50
CA TYR A 200 6.21 8.50 -2.83
C TYR A 200 4.70 8.66 -2.85
N ILE A 201 4.16 8.82 -4.05
CA ILE A 201 2.73 8.96 -4.27
C ILE A 201 2.26 7.70 -4.99
N ALA A 202 1.13 7.14 -4.54
CA ALA A 202 0.48 6.03 -5.20
C ALA A 202 -0.80 6.53 -5.86
N ILE A 203 -0.93 6.28 -7.16
CA ILE A 203 -2.09 6.73 -7.93
C ILE A 203 -3.15 5.64 -7.84
N ASN A 204 -4.25 5.96 -7.17
CA ASN A 204 -5.36 5.01 -6.99
C ASN A 204 -6.42 5.32 -8.04
N VAL A 205 -6.40 4.55 -9.13
CA VAL A 205 -7.41 4.65 -10.17
C VAL A 205 -8.11 3.30 -10.28
N SER A 206 -8.15 2.55 -9.18
CA SER A 206 -8.51 1.14 -9.22
C SER A 206 -9.52 0.70 -8.18
N SER A 207 -9.94 1.57 -7.26
CA SER A 207 -10.87 1.13 -6.22
C SER A 207 -12.19 0.72 -6.86
N PRO A 208 -12.69 -0.48 -6.57
CA PRO A 208 -13.97 -0.90 -7.17
C PRO A 208 -15.20 -0.35 -6.48
N ASN A 209 -15.05 0.32 -5.33
CA ASN A 209 -16.18 0.78 -4.54
C ASN A 209 -16.51 2.25 -4.79
N THR A 210 -15.87 2.88 -5.76
CA THR A 210 -16.16 4.26 -6.15
C THR A 210 -16.70 4.27 -7.57
N PRO A 211 -17.90 4.79 -7.81
CA PRO A 211 -18.51 4.61 -9.13
C PRO A 211 -17.70 5.26 -10.24
N GLY A 212 -17.54 4.52 -11.35
CA GLY A 212 -16.82 5.03 -12.50
C GLY A 212 -15.35 5.35 -12.26
N LEU A 213 -14.81 4.93 -11.12
CA LEU A 213 -13.40 5.23 -10.84
C LEU A 213 -12.46 4.38 -11.68
N ARG A 214 -12.84 3.13 -11.96
CA ARG A 214 -12.01 2.25 -12.77
C ARG A 214 -12.10 2.55 -14.27
N ASP A 215 -12.98 3.47 -14.67
CA ASP A 215 -12.97 3.98 -16.03
C ASP A 215 -11.86 5.01 -16.25
N ASN A 216 -11.17 5.42 -15.19
CA ASN A 216 -10.04 6.33 -15.29
C ASN A 216 -8.75 5.60 -15.66
N GLN A 217 -8.78 4.27 -15.77
CA GLN A 217 -7.63 3.50 -16.23
C GLN A 217 -7.54 3.42 -17.74
N GLU A 218 -8.50 4.00 -18.46
CA GLU A 218 -8.39 4.08 -19.92
C GLU A 218 -7.10 4.81 -20.29
N ALA A 219 -6.39 4.28 -21.28
CA ALA A 219 -5.02 4.70 -21.55
C ALA A 219 -4.90 6.21 -21.63
N GLY A 220 -5.75 6.85 -22.42
CA GLY A 220 -5.66 8.27 -22.64
C GLY A 220 -5.60 9.08 -21.35
N LYS A 221 -6.59 8.91 -20.49
CA LYS A 221 -6.65 9.73 -19.28
C LYS A 221 -5.60 9.29 -18.26
N LEU A 222 -5.36 7.98 -18.14
CA LEU A 222 -4.32 7.53 -17.22
C LEU A 222 -2.97 8.11 -17.62
N LYS A 223 -2.67 8.14 -18.91
CA LYS A 223 -1.51 8.89 -19.40
C LYS A 223 -1.53 10.30 -18.82
N ASN A 224 -2.58 11.06 -19.14
CA ASN A 224 -2.71 12.41 -18.62
C ASN A 224 -2.62 12.43 -17.10
N ILE A 225 -3.18 11.41 -16.44
CA ILE A 225 -3.11 11.37 -14.98
C ILE A 225 -1.68 11.24 -14.51
N ILE A 226 -0.92 10.33 -15.13
CA ILE A 226 0.46 10.12 -14.69
C ILE A 226 1.30 11.37 -14.96
N LEU A 227 1.22 11.91 -16.17
CA LEU A 227 1.99 13.09 -16.50
C LEU A 227 1.69 14.23 -15.54
N SER A 228 0.42 14.44 -15.20
CA SER A 228 0.06 15.51 -14.29
C SER A 228 0.63 15.27 -12.89
N VAL A 229 0.54 14.02 -12.41
CA VAL A 229 1.10 13.70 -11.11
C VAL A 229 2.60 13.98 -11.10
N LYS A 230 3.31 13.46 -12.10
CA LYS A 230 4.74 13.73 -12.19
C LYS A 230 5.01 15.23 -12.28
N GLU A 231 4.24 15.94 -13.09
CA GLU A 231 4.43 17.38 -13.24
C GLU A 231 4.20 18.11 -11.92
N GLU A 232 3.05 17.85 -11.29
CA GLU A 232 2.75 18.53 -10.04
C GLU A 232 3.84 18.31 -9.00
N ILE A 233 4.31 17.06 -8.87
CA ILE A 233 5.42 16.79 -7.96
C ILE A 233 6.67 17.56 -8.40
N ASP A 234 6.91 17.61 -9.71
CA ASP A 234 8.09 18.29 -10.22
C ASP A 234 8.03 19.79 -9.97
N ASN A 235 6.82 20.35 -9.87
CA ASN A 235 6.67 21.79 -9.76
C ASN A 235 6.92 22.32 -8.35
N LEU A 236 6.89 21.46 -7.34
CA LEU A 236 7.11 21.93 -5.97
C LEU A 236 8.56 22.35 -5.76
N GLU A 237 9.50 21.77 -6.50
CA GLU A 237 10.91 22.05 -6.28
C GLU A 237 11.30 23.44 -6.74
N LYS A 238 10.64 23.95 -7.79
CA LYS A 238 11.11 25.18 -8.44
C LYS A 238 11.05 26.36 -7.49
N ASN A 239 9.86 26.70 -7.00
CA ASN A 239 9.67 27.93 -6.24
C ASN A 239 9.87 27.66 -4.75
N ASN A 240 11.14 27.66 -4.35
CA ASN A 240 11.51 27.70 -2.94
C ASN A 240 12.81 28.46 -2.81
N ILE A 241 12.99 29.13 -1.68
CA ILE A 241 14.28 29.71 -1.36
C ILE A 241 15.17 28.72 -0.61
N MET A 242 14.56 27.81 0.16
CA MET A 242 15.31 26.83 0.90
C MET A 242 15.85 25.75 -0.04
N ASN A 243 16.99 25.19 0.33
CA ASN A 243 17.58 24.10 -0.44
C ASN A 243 16.68 22.86 -0.34
N ASP A 244 17.06 21.83 -1.10
CA ASP A 244 16.24 20.63 -1.16
C ASP A 244 16.19 19.92 0.18
N GLU A 245 17.25 20.01 0.97
CA GLU A 245 17.25 19.33 2.27
C GLU A 245 16.07 19.76 3.13
N PHE A 246 15.82 21.06 3.21
CA PHE A 246 14.74 21.57 4.05
C PHE A 246 13.41 21.68 3.30
N LEU A 247 13.40 21.45 1.99
CA LEU A 247 12.14 21.39 1.27
C LEU A 247 11.39 20.11 1.61
N TRP A 248 12.02 18.96 1.41
CA TRP A 248 11.40 17.66 1.66
C TRP A 248 11.54 17.33 3.14
N PHE A 249 10.46 17.49 3.89
CA PHE A 249 10.43 17.02 5.28
C PHE A 249 9.90 15.59 5.32
N ASN A 250 10.63 14.72 4.64
CA ASN A 250 10.29 13.30 4.55
C ASN A 250 11.55 12.51 4.91
N THR A 251 11.55 11.23 4.57
CA THR A 251 12.69 10.37 4.88
C THR A 251 13.82 10.55 3.87
N THR A 252 13.48 10.59 2.58
CA THR A 252 14.49 10.57 1.54
C THR A 252 15.14 11.94 1.32
N LYS A 253 14.49 13.02 1.73
CA LYS A 253 14.93 14.37 1.37
C LYS A 253 15.00 14.51 -0.15
N LYS A 254 14.04 13.89 -0.84
CA LYS A 254 14.07 13.76 -2.29
C LYS A 254 12.64 13.75 -2.80
N LYS A 255 12.48 14.07 -4.08
CA LYS A 255 11.15 14.13 -4.66
C LYS A 255 10.42 12.80 -4.47
N PRO A 256 9.13 12.82 -4.16
CA PRO A 256 8.40 11.55 -4.00
C PRO A 256 8.22 10.83 -5.33
N LEU A 257 8.58 9.56 -5.35
CA LEU A 257 8.35 8.76 -6.54
C LEU A 257 6.86 8.59 -6.78
N VAL A 258 6.51 8.18 -8.00
CA VAL A 258 5.12 8.06 -8.43
C VAL A 258 4.85 6.62 -8.81
N PHE A 259 3.93 5.99 -8.10
CA PHE A 259 3.47 4.64 -8.39
C PHE A 259 2.01 4.68 -8.79
N VAL A 260 1.60 3.72 -9.61
CA VAL A 260 0.21 3.59 -10.04
C VAL A 260 -0.36 2.33 -9.40
N LYS A 261 -1.61 2.42 -8.94
CA LYS A 261 -2.34 1.29 -8.38
C LYS A 261 -3.31 0.77 -9.43
N LEU A 262 -3.23 -0.53 -9.72
CA LEU A 262 -4.02 -1.14 -10.77
C LEU A 262 -5.02 -2.13 -10.20
N ALA A 263 -6.16 -2.27 -10.92
CA ALA A 263 -7.18 -3.23 -10.57
C ALA A 263 -7.00 -4.51 -11.36
N PRO A 264 -7.38 -5.66 -10.79
CA PRO A 264 -7.22 -6.92 -11.54
C PRO A 264 -8.33 -7.18 -12.56
N ASP A 265 -9.45 -6.48 -12.46
CA ASP A 265 -10.61 -6.77 -13.31
C ASP A 265 -10.52 -6.00 -14.63
N LEU A 266 -9.47 -6.29 -15.39
CA LEU A 266 -9.28 -5.72 -16.71
C LEU A 266 -8.95 -6.82 -17.71
N ASN A 267 -9.23 -6.55 -18.97
CA ASN A 267 -8.78 -7.40 -20.05
C ASN A 267 -7.36 -7.00 -20.45
N GLN A 268 -6.68 -7.89 -21.16
CA GLN A 268 -5.27 -7.65 -21.48
C GLN A 268 -5.09 -6.49 -22.43
N GLU A 269 -6.05 -6.25 -23.33
CA GLU A 269 -5.96 -5.09 -24.20
C GLU A 269 -5.82 -3.81 -23.38
N GLN A 270 -6.58 -3.70 -22.29
CA GLN A 270 -6.45 -2.54 -21.42
C GLN A 270 -5.09 -2.54 -20.72
N LYS A 271 -4.60 -3.73 -20.36
CA LYS A 271 -3.33 -3.83 -19.64
C LYS A 271 -2.16 -3.40 -20.52
N LYS A 272 -2.12 -3.88 -21.76
CA LYS A 272 -1.01 -3.53 -22.65
C LYS A 272 -1.06 -2.05 -23.00
N GLU A 273 -2.25 -1.49 -23.17
CA GLU A 273 -2.37 -0.04 -23.35
C GLU A 273 -1.73 0.69 -22.18
N ILE A 274 -2.11 0.33 -20.96
CA ILE A 274 -1.53 0.95 -19.77
C ILE A 274 -0.02 0.77 -19.77
N ALA A 275 0.45 -0.46 -20.00
CA ALA A 275 1.88 -0.74 -20.00
C ALA A 275 2.61 0.15 -20.99
N ASP A 276 2.08 0.25 -22.22
CA ASP A 276 2.70 1.13 -23.21
C ASP A 276 2.73 2.58 -22.72
N VAL A 277 1.69 2.99 -21.99
CA VAL A 277 1.62 4.37 -21.52
C VAL A 277 2.66 4.61 -20.42
N LEU A 278 2.62 3.80 -19.37
CA LEU A 278 3.48 4.09 -18.22
C LEU A 278 4.96 3.98 -18.56
N LEU A 279 5.31 3.29 -19.65
CA LEU A 279 6.70 3.31 -20.12
C LEU A 279 7.00 4.64 -20.81
N GLU A 280 6.05 5.16 -21.59
CA GLU A 280 6.30 6.38 -22.35
C GLU A 280 6.25 7.62 -21.46
N THR A 281 5.51 7.56 -20.35
CA THR A 281 5.42 8.69 -19.43
C THR A 281 6.38 8.58 -18.26
N ASN A 282 7.16 7.49 -18.18
CA ASN A 282 8.24 7.38 -17.19
C ASN A 282 7.70 7.34 -15.77
N ILE A 283 6.72 6.46 -15.54
CA ILE A 283 6.25 6.24 -14.18
C ILE A 283 7.39 5.66 -13.36
N ASP A 284 7.41 5.97 -12.06
CA ASP A 284 8.45 5.46 -11.18
C ASP A 284 8.15 4.03 -10.72
N GLY A 285 6.91 3.59 -10.79
CA GLY A 285 6.57 2.25 -10.36
C GLY A 285 5.10 2.00 -10.57
N MET A 286 4.68 0.79 -10.20
CA MET A 286 3.30 0.38 -10.34
C MET A 286 2.96 -0.63 -9.25
N ILE A 287 1.96 -0.31 -8.44
CA ILE A 287 1.51 -1.23 -7.39
C ILE A 287 0.54 -2.22 -8.03
N ILE A 288 0.90 -3.50 -8.01
CA ILE A 288 0.11 -4.57 -8.60
C ILE A 288 -0.09 -5.62 -7.52
N SER A 289 -1.34 -5.83 -7.09
CA SER A 289 -2.56 -5.28 -7.67
C SER A 289 -3.53 -4.81 -6.58
N ASN A 290 -4.83 -4.78 -6.89
CA ASN A 290 -5.85 -4.29 -5.97
C ASN A 290 -6.92 -5.37 -5.79
N THR A 291 -8.05 -4.95 -5.20
CA THR A 291 -9.15 -5.88 -4.93
C THR A 291 -9.97 -6.12 -6.20
N THR A 292 -10.80 -7.17 -6.17
CA THR A 292 -11.55 -7.60 -7.33
C THR A 292 -13.03 -7.72 -7.01
N THR A 293 -13.85 -7.56 -8.06
CA THR A 293 -15.28 -7.76 -7.95
C THR A 293 -15.75 -9.03 -8.65
N GLN A 294 -14.84 -9.80 -9.23
CA GLN A 294 -15.18 -10.95 -10.06
C GLN A 294 -15.15 -12.27 -9.32
N ILE A 295 -14.81 -12.26 -8.02
CA ILE A 295 -14.78 -13.48 -7.24
C ILE A 295 -16.20 -13.80 -6.79
N ASN A 296 -16.67 -14.99 -7.16
CA ASN A 296 -18.02 -15.44 -6.83
C ASN A 296 -18.00 -16.77 -6.08
N ASP A 297 -16.85 -17.16 -5.54
CA ASP A 297 -16.73 -18.43 -4.81
C ASP A 297 -16.54 -18.15 -3.31
N ILE A 298 -17.44 -17.37 -2.72
CA ILE A 298 -17.43 -17.06 -1.29
C ILE A 298 -18.89 -16.98 -0.87
N LYS A 299 -19.34 -18.00 -0.13
CA LYS A 299 -20.77 -18.10 0.18
C LYS A 299 -21.23 -17.00 1.13
N SER A 300 -20.37 -16.61 2.07
CA SER A 300 -20.79 -15.68 3.12
C SER A 300 -20.94 -14.25 2.60
N PHE A 301 -20.36 -13.93 1.45
CA PHE A 301 -20.43 -12.58 0.92
C PHE A 301 -21.52 -12.41 -0.14
N GLU A 302 -22.44 -13.36 -0.25
CA GLU A 302 -23.46 -13.29 -1.29
C GLU A 302 -24.32 -12.04 -1.10
N ASN A 303 -24.59 -11.35 -2.20
CA ASN A 303 -25.44 -10.16 -2.24
C ASN A 303 -24.83 -8.98 -1.48
N LYS A 304 -23.51 -9.01 -1.27
CA LYS A 304 -22.81 -7.93 -0.59
C LYS A 304 -21.89 -7.22 -1.58
N LYS A 305 -22.00 -5.90 -1.63
CA LYS A 305 -21.25 -5.09 -2.57
C LYS A 305 -19.84 -4.83 -2.05
N GLY A 306 -18.93 -4.55 -2.98
CA GLY A 306 -17.58 -4.14 -2.65
C GLY A 306 -16.55 -5.01 -3.33
N GLY A 307 -15.29 -4.70 -3.04
CA GLY A 307 -14.17 -5.47 -3.54
C GLY A 307 -13.64 -6.40 -2.47
N VAL A 308 -13.13 -7.55 -2.90
CA VAL A 308 -12.68 -8.59 -2.00
C VAL A 308 -11.16 -8.58 -1.91
N SER A 309 -10.64 -8.86 -0.72
CA SER A 309 -9.22 -8.95 -0.47
C SER A 309 -8.90 -10.29 0.19
N GLY A 310 -7.62 -10.63 0.24
CA GLY A 310 -7.18 -11.79 0.98
C GLY A 310 -6.70 -12.96 0.15
N ALA A 311 -6.83 -14.16 0.71
CA ALA A 311 -6.23 -15.34 0.09
C ALA A 311 -6.82 -15.60 -1.29
N LYS A 312 -8.12 -15.40 -1.45
CA LYS A 312 -8.76 -15.68 -2.73
C LYS A 312 -8.24 -14.78 -3.85
N LEU A 313 -7.46 -13.75 -3.52
CA LEU A 313 -6.85 -12.87 -4.51
C LEU A 313 -5.38 -13.16 -4.72
N LYS A 314 -4.77 -13.99 -3.87
CA LYS A 314 -3.33 -14.24 -3.98
C LYS A 314 -2.95 -14.67 -5.38
N ASP A 315 -3.48 -15.82 -5.83
CA ASP A 315 -3.10 -16.36 -7.13
C ASP A 315 -3.39 -15.36 -8.24
N ILE A 316 -4.60 -14.80 -8.24
CA ILE A 316 -4.99 -13.89 -9.32
C ILE A 316 -3.98 -12.76 -9.46
N SER A 317 -3.61 -12.14 -8.35
CA SER A 317 -2.72 -10.99 -8.39
C SER A 317 -1.35 -11.37 -8.94
N THR A 318 -0.78 -12.47 -8.44
CA THR A 318 0.56 -12.85 -8.85
C THR A 318 0.65 -12.97 -10.37
N LYS A 319 -0.41 -13.47 -11.01
CA LYS A 319 -0.37 -13.62 -12.46
C LYS A 319 -0.44 -12.25 -13.13
N PHE A 320 -1.23 -11.34 -12.57
CA PHE A 320 -1.28 -9.96 -13.08
C PHE A 320 0.11 -9.33 -13.04
N ILE A 321 0.86 -9.58 -11.96
CA ILE A 321 2.23 -9.07 -11.89
C ILE A 321 3.04 -9.58 -13.06
N CYS A 322 3.02 -10.90 -13.27
CA CYS A 322 3.73 -11.48 -14.41
C CYS A 322 3.36 -10.76 -15.71
N GLU A 323 2.05 -10.62 -15.96
CA GLU A 323 1.60 -9.96 -17.18
C GLU A 323 2.19 -8.55 -17.30
N MET A 324 1.89 -7.69 -16.32
CA MET A 324 2.40 -6.33 -16.36
C MET A 324 3.93 -6.30 -16.32
N TYR A 325 4.53 -7.16 -15.49
CA TYR A 325 5.99 -7.23 -15.46
C TYR A 325 6.54 -7.53 -16.84
N ASN A 326 5.85 -8.36 -17.61
CA ASN A 326 6.25 -8.64 -18.98
C ASN A 326 5.81 -7.53 -19.93
N TYR A 327 4.59 -7.04 -19.76
CA TYR A 327 4.10 -5.98 -20.64
C TYR A 327 4.95 -4.71 -20.52
N THR A 328 5.60 -4.52 -19.37
CA THR A 328 6.49 -3.39 -19.17
C THR A 328 7.95 -3.71 -19.48
N ASN A 329 8.22 -4.92 -19.99
CA ASN A 329 9.58 -5.33 -20.38
C ASN A 329 10.57 -5.17 -19.22
N LYS A 330 10.06 -5.26 -18.00
CA LYS A 330 10.86 -5.17 -16.78
C LYS A 330 11.41 -3.78 -16.53
N GLN A 331 10.92 -2.77 -17.25
CA GLN A 331 11.46 -1.42 -17.15
C GLN A 331 10.80 -0.58 -16.07
N ILE A 332 9.71 -1.05 -15.47
CA ILE A 332 8.99 -0.32 -14.44
C ILE A 332 8.89 -1.22 -13.21
N PRO A 333 9.38 -0.78 -12.04
CA PRO A 333 9.32 -1.64 -10.86
C PRO A 333 7.90 -1.86 -10.38
N ILE A 334 7.73 -2.95 -9.62
CA ILE A 334 6.41 -3.39 -9.18
C ILE A 334 6.36 -3.39 -7.66
N ILE A 335 5.17 -3.16 -7.11
CA ILE A 335 4.92 -3.26 -5.68
C ILE A 335 3.81 -4.29 -5.48
N ALA A 336 4.17 -5.49 -5.02
CA ALA A 336 3.20 -6.56 -4.87
C ALA A 336 2.17 -6.21 -3.81
N SER A 337 0.92 -6.60 -4.05
CA SER A 337 -0.15 -6.37 -3.08
C SER A 337 -1.34 -7.25 -3.43
N GLY A 338 -1.60 -8.27 -2.63
CA GLY A 338 -2.76 -9.11 -2.83
C GLY A 338 -2.57 -10.56 -2.44
N GLY A 339 -3.07 -10.93 -1.26
CA GLY A 339 -3.06 -12.31 -0.84
C GLY A 339 -1.78 -12.80 -0.23
N ILE A 340 -0.91 -11.92 0.25
CA ILE A 340 0.38 -12.32 0.81
C ILE A 340 0.16 -12.70 2.27
N PHE A 341 0.50 -13.93 2.61
CA PHE A 341 0.38 -14.46 3.97
C PHE A 341 1.65 -15.15 4.44
N SER A 342 2.38 -15.80 3.55
CA SER A 342 3.56 -16.57 3.87
C SER A 342 4.77 -16.03 3.13
N GLY A 343 5.95 -16.41 3.62
CA GLY A 343 7.18 -16.01 2.95
C GLY A 343 7.24 -16.50 1.51
N LEU A 344 6.73 -17.71 1.26
CA LEU A 344 6.70 -18.22 -0.10
C LEU A 344 5.70 -17.43 -0.95
N ASP A 345 4.54 -17.10 -0.38
CA ASP A 345 3.59 -16.25 -1.09
C ASP A 345 4.28 -14.99 -1.60
N ALA A 346 5.13 -14.39 -0.76
CA ALA A 346 5.86 -13.20 -1.19
C ALA A 346 6.90 -13.55 -2.23
N LEU A 347 7.64 -14.64 -2.04
CA LEU A 347 8.66 -15.02 -3.01
C LEU A 347 8.05 -15.30 -4.37
N GLU A 348 6.94 -16.02 -4.41
CA GLU A 348 6.23 -16.24 -5.67
C GLU A 348 5.98 -14.92 -6.38
N LYS A 349 5.61 -13.88 -5.64
CA LYS A 349 5.39 -12.57 -6.23
C LYS A 349 6.70 -11.84 -6.49
N ILE A 350 7.73 -12.12 -5.68
CA ILE A 350 9.04 -11.55 -5.95
C ILE A 350 9.64 -12.16 -7.21
N GLU A 351 9.64 -13.49 -7.29
CA GLU A 351 10.13 -14.17 -8.47
C GLU A 351 9.32 -13.81 -9.72
N ALA A 352 8.08 -13.37 -9.54
CA ALA A 352 7.28 -12.92 -10.67
C ALA A 352 7.69 -11.54 -11.17
N GLY A 353 8.34 -10.73 -10.33
CA GLY A 353 8.84 -9.45 -10.77
C GLY A 353 8.69 -8.32 -9.76
N ALA A 354 8.10 -8.62 -8.61
CA ALA A 354 7.86 -7.59 -7.61
C ALA A 354 9.14 -7.28 -6.82
N SER A 355 9.37 -5.99 -6.58
CA SER A 355 10.50 -5.58 -5.76
C SER A 355 10.13 -5.49 -4.28
N VAL A 356 8.86 -5.19 -3.97
CA VAL A 356 8.40 -5.03 -2.60
C VAL A 356 7.00 -5.62 -2.49
N CYS A 357 6.57 -5.86 -1.26
CA CYS A 357 5.29 -6.47 -0.98
C CYS A 357 4.55 -5.70 0.10
N GLN A 358 3.23 -5.62 -0.03
CA GLN A 358 2.36 -5.00 0.95
C GLN A 358 1.38 -6.02 1.49
N LEU A 359 1.10 -5.95 2.79
CA LEU A 359 0.20 -6.89 3.44
C LEU A 359 -1.00 -6.14 4.01
N TYR A 360 -2.15 -6.82 4.01
CA TYR A 360 -3.37 -6.25 4.59
C TYR A 360 -4.11 -7.35 5.34
N SER A 361 -4.72 -8.27 4.58
CA SER A 361 -5.45 -9.37 5.20
C SER A 361 -4.58 -10.15 6.17
N CYS A 362 -3.28 -10.24 5.89
CA CYS A 362 -2.39 -10.96 6.80
C CYS A 362 -2.47 -10.39 8.20
N LEU A 363 -2.34 -9.06 8.32
CA LEU A 363 -2.50 -8.43 9.63
C LEU A 363 -3.87 -8.72 10.21
N VAL A 364 -4.89 -8.83 9.36
CA VAL A 364 -6.24 -9.07 9.84
C VAL A 364 -6.33 -10.42 10.54
N PHE A 365 -5.77 -11.45 9.91
CA PHE A 365 -5.92 -12.81 10.40
C PHE A 365 -4.76 -13.30 11.25
N ASN A 366 -3.59 -12.67 11.16
CA ASN A 366 -2.43 -13.09 11.95
C ASN A 366 -2.07 -12.13 13.07
N GLY A 367 -2.37 -10.85 12.92
CA GLY A 367 -2.19 -9.91 14.04
C GLY A 367 -0.78 -9.36 14.09
N MET A 368 -0.24 -9.31 15.32
CA MET A 368 1.03 -8.61 15.54
C MET A 368 2.22 -9.39 15.00
N LYS A 369 2.14 -10.71 14.97
CA LYS A 369 3.22 -11.55 14.46
C LYS A 369 3.32 -11.53 12.94
N SER A 370 2.54 -10.69 12.26
CA SER A 370 2.54 -10.68 10.80
C SER A 370 3.93 -10.39 10.26
N ALA A 371 4.55 -9.29 10.69
CA ALA A 371 5.85 -8.91 10.16
C ALA A 371 6.93 -9.90 10.59
N VAL A 372 6.99 -10.21 11.89
CA VAL A 372 8.02 -11.12 12.38
C VAL A 372 7.89 -12.49 11.75
N GLN A 373 6.66 -12.89 11.40
CA GLN A 373 6.47 -14.19 10.77
C GLN A 373 6.93 -14.17 9.33
N ILE A 374 6.42 -13.23 8.54
CA ILE A 374 6.70 -13.22 7.10
C ILE A 374 8.14 -12.85 6.81
N LYS A 375 8.82 -12.18 7.75
CA LYS A 375 10.23 -11.86 7.54
C LYS A 375 11.12 -13.05 7.88
N ARG A 376 10.83 -13.74 8.99
CA ARG A 376 11.49 -15.00 9.28
C ARG A 376 11.33 -15.97 8.11
N GLU A 377 10.08 -16.23 7.72
CA GLU A 377 9.79 -17.20 6.67
C GLU A 377 10.57 -16.89 5.40
N LEU A 378 10.59 -15.62 4.99
CA LEU A 378 11.23 -15.27 3.73
C LEU A 378 12.74 -15.45 3.80
N ASN A 379 13.36 -15.02 4.90
CA ASN A 379 14.80 -15.21 5.05
C ASN A 379 15.18 -16.68 4.93
N HIS A 380 14.45 -17.55 5.63
CA HIS A 380 14.76 -18.97 5.59
C HIS A 380 14.67 -19.51 4.16
N LEU A 381 13.65 -19.08 3.41
CA LEU A 381 13.47 -19.60 2.06
C LEU A 381 14.56 -19.09 1.14
N LEU A 382 14.91 -17.80 1.23
CA LEU A 382 16.03 -17.28 0.44
C LEU A 382 17.30 -18.09 0.71
N TYR A 383 17.55 -18.43 1.96
CA TYR A 383 18.72 -19.24 2.30
C TYR A 383 18.64 -20.62 1.66
N GLN A 384 17.46 -21.25 1.70
CA GLN A 384 17.34 -22.61 1.21
C GLN A 384 17.37 -22.67 -0.31
N ARG A 385 16.76 -21.69 -0.98
CA ARG A 385 16.68 -21.74 -2.43
C ARG A 385 18.00 -21.43 -3.11
N GLY A 386 19.02 -20.99 -2.36
CA GLY A 386 20.30 -20.68 -2.96
C GLY A 386 20.31 -19.34 -3.66
N TYR A 387 20.11 -18.27 -2.89
CA TYR A 387 20.07 -16.91 -3.40
C TYR A 387 20.99 -16.04 -2.55
N TYR A 388 21.84 -15.25 -3.20
CA TYR A 388 22.72 -14.36 -2.45
C TYR A 388 21.92 -13.28 -1.74
N ASN A 389 21.02 -12.61 -2.46
CA ASN A 389 20.19 -11.57 -1.88
C ASN A 389 18.82 -11.62 -2.55
N LEU A 390 17.94 -10.70 -2.13
CA LEU A 390 16.59 -10.67 -2.67
C LEU A 390 16.59 -10.28 -4.15
N LYS A 391 17.39 -9.28 -4.51
CA LYS A 391 17.40 -8.80 -5.89
C LYS A 391 17.67 -9.93 -6.87
N GLU A 392 18.50 -10.90 -6.50
CA GLU A 392 18.78 -12.03 -7.37
C GLU A 392 17.53 -12.85 -7.67
N ALA A 393 16.51 -12.76 -6.82
CA ALA A 393 15.27 -13.51 -7.02
C ALA A 393 14.28 -12.78 -7.92
N ILE A 394 14.48 -11.47 -8.14
CA ILE A 394 13.54 -10.70 -8.94
C ILE A 394 13.45 -11.32 -10.33
N GLY A 395 12.25 -11.79 -10.70
CA GLY A 395 12.02 -12.30 -12.03
C GLY A 395 12.76 -13.57 -12.38
N ARG A 396 13.30 -14.28 -11.40
CA ARG A 396 14.02 -15.51 -11.70
C ARG A 396 13.13 -16.56 -12.35
N LYS A 397 11.81 -16.47 -12.15
CA LYS A 397 10.88 -17.44 -12.74
C LYS A 397 11.03 -17.45 -14.26
C16 A1A53 B . -9.76 -7.11 11.88
C01 A1A53 B . -8.95 -9.57 14.45
C03 A1A53 B . -8.03 -7.59 13.27
C04 A1A53 B . -6.66 -7.56 14.00
C05 A1A53 B . -6.79 -7.28 15.51
C06 A1A53 B . -7.52 -6.19 15.97
C07 A1A53 B . -7.57 -5.99 17.36
C08 A1A53 B . -6.89 -6.87 18.20
C09 A1A53 B . -6.94 -6.66 19.72
C14 A1A53 B . -6.11 -8.11 16.41
C15 A1A53 B . -8.47 -6.71 12.26
C17 A1A53 B . -10.54 -6.33 10.77
C19 A1A53 B . -10.64 -4.43 9.06
C20 A1A53 B . -10.27 -3.42 7.97
C21 A1A53 B . -10.55 -4.88 7.60
C22 A1A53 B . -8.60 -4.74 10.49
C23 A1A53 B . -7.83 -5.49 11.56
C24 A1A53 B . -6.42 -5.00 11.93
F10 A1A53 B . -6.28 -7.69 20.33
F11 A1A53 B . -6.31 -5.48 20.02
F12 A1A53 B . -8.24 -6.62 20.15
N02 A1A53 B . -9.00 -8.48 13.47
N13 A1A53 B . -6.19 -7.88 17.71
N18 A1A53 B . -9.92 -5.16 10.11
N26 A1A53 B . -10.08 -8.21 12.64
O25 A1A53 B . -11.63 -6.68 10.45
H012 A1A53 B . -9.64 -10.22 14.25
H011 A1A53 B . -9.08 -9.22 15.35
H013 A1A53 B . -8.08 -10.00 14.39
H041 A1A53 B . -6.24 -8.42 13.88
H042 A1A53 B . -6.11 -6.87 13.59
H061 A1A53 B . -7.97 -5.62 15.39
H071 A1A53 B . -8.06 -5.28 17.71
H141 A1A53 B . -5.62 -8.83 16.10
H191 A1A53 B . -11.57 -4.32 9.32
H201 A1A53 B . -9.35 -3.16 7.93
H202 A1A53 B . -10.98 -2.79 7.73
H211 A1A53 B . -11.40 -5.05 7.16
H212 A1A53 B . -9.77 -5.40 7.37
H221 A1A53 B . -8.21 -4.00 10.07
H241 A1A53 B . -6.32 -4.99 12.89
H242 A1A53 B . -6.28 -4.10 11.59
H243 A1A53 B . -5.75 -5.59 11.55
N1 FMN C . -6.56 0.08 -1.56
C2 FMN C . -6.26 1.38 -1.92
O2 FMN C . -5.51 1.59 -2.87
N3 FMN C . -6.82 2.43 -1.23
C4 FMN C . -7.66 2.20 -0.17
O4 FMN C . -8.15 3.14 0.46
C4A FMN C . -7.96 0.90 0.19
N5 FMN C . -8.82 0.66 1.25
C5A FMN C . -9.11 -0.64 1.62
C6 FMN C . -9.97 -0.86 2.69
C7 FMN C . -10.29 -2.16 3.06
C7M FMN C . -11.21 -2.35 4.23
C8 FMN C . -9.73 -3.23 2.37
C8M FMN C . -10.05 -4.66 2.74
C9 FMN C . -8.88 -3.00 1.30
C9A FMN C . -8.57 -1.70 0.92
N10 FMN C . -7.72 -1.46 -0.14
C10 FMN C . -7.42 -0.17 -0.51
C1' FMN C . -7.11 -2.60 -0.92
C2' FMN C . -5.88 -3.10 -0.17
O2' FMN C . -4.97 -2.04 -0.02
C3' FMN C . -5.19 -4.24 -0.92
O3' FMN C . -4.89 -3.81 -2.23
C4' FMN C . -6.09 -5.48 -0.97
O4' FMN C . -6.76 -5.59 0.26
C5' FMN C . -5.29 -6.75 -1.19
O5' FMN C . -4.48 -6.98 -0.07
P FMN C . -4.46 -8.41 0.66
O1P FMN C . -5.49 -8.39 1.76
O2P FMN C . -3.10 -8.68 1.25
O3P FMN C . -4.80 -9.48 -0.35
HN3 FMN C . -6.58 3.41 -1.50
H6 FMN C . -10.39 -0.01 3.22
HM71 FMN C . -11.18 -3.39 4.54
HM72 FMN C . -12.23 -2.09 3.94
HM73 FMN C . -10.90 -1.71 5.05
HM81 FMN C . -9.56 -5.33 2.04
HM82 FMN C . -11.13 -4.81 2.69
HM83 FMN C . -9.69 -4.85 3.75
H9 FMN C . -8.46 -3.84 0.75
O2 OG6 D . -11.85 1.96 0.51
C10 OG6 D . -12.43 1.29 -0.36
C06 OG6 D . -11.53 0.49 -1.31
C07 OG6 D . -10.55 1.03 -2.07
C09 OG6 D . -9.76 0.17 -2.93
O02 OG6 D . -8.85 0.53 -3.65
N05 OG6 D . -10.12 -1.17 -2.87
C08 OG6 D . -11.11 -1.73 -2.10
O01 OG6 D . -11.36 -2.92 -2.12
N04 OG6 D . -11.79 -0.83 -1.34
O1 OG6 D . -13.64 1.18 -0.58
H2 OG6 D . -10.37 1.94 -2.05
H4 OG6 D . -9.67 -1.70 -3.36
H3 OG6 D . -12.43 -1.11 -0.83
#